data_4Y5H
#
_entry.id   4Y5H
#
_cell.length_a   53.708
_cell.length_b   71.813
_cell.length_c   107.802
_cell.angle_alpha   90.00
_cell.angle_beta   90.00
_cell.angle_gamma   90.00
#
_symmetry.space_group_name_H-M   'P 21 21 21'
#
loop_
_entity.id
_entity.type
_entity.pdbx_description
1 polymer 'Mitogen-activated protein kinase 10'
2 non-polymer 1-(trans-4-{[7-oxo-8-(propan-2-yl)-7,8-dihydropyrido[2,3-d]pyrimidin-2-yl]amino}cyclohexyl)-3-propan-2-ylurea
3 water water
#
_entity_poly.entity_id   1
_entity_poly.type   'polypeptide(L)'
_entity_poly.pdbx_seq_one_letter_code
;MAMSKSKVDNQFYSVEVGDSTFTVLKRYQNLKPIGSGAQGIVCAAYDAVLDRNVAIKKLSRPFQNQTHAKRAYRELVLMK
CVNHKNIISLLNVFTPQKTLEEFQDVYLVMELMDANLCQVIQMELDHERMSYLLYQMLCGIKHLHSAGIIHRDLKPSNIV
VKSDCTLKILDFGLARTAGTSFMMTPYVVTRYYRAPEVILGMGYKENVDIWSVGCIMGEMVRHKILFPGRDYIDQWNKVI
EQLGTPCPEFMKKLQPTVRNYVENRPKYAGLTFPKLFPDSLFPADSEHNKLKASQARDLLSKMLVIDPAKRISVDDALQH
PYINVWYDPAEVEAPPPQIYDKQLDEREHTIEEWKELIYKEVMNSE
;
_entity_poly.pdbx_strand_id   A
#
# COMPACT_ATOMS: atom_id res chain seq x y z
N ASP A 9 27.48 -18.57 -23.59
CA ASP A 9 28.02 -19.31 -22.46
C ASP A 9 27.31 -18.88 -21.15
N ASN A 10 27.37 -17.59 -20.85
CA ASN A 10 26.72 -17.06 -19.66
C ASN A 10 25.29 -16.66 -19.98
N GLN A 11 24.35 -17.01 -19.09
CA GLN A 11 22.95 -16.67 -19.34
C GLN A 11 22.53 -15.39 -18.59
N PHE A 12 23.53 -14.64 -18.10
CA PHE A 12 23.32 -13.34 -17.47
C PHE A 12 24.25 -12.29 -18.08
N TYR A 13 23.88 -11.01 -17.97
CA TYR A 13 24.77 -9.91 -18.30
C TYR A 13 24.56 -8.78 -17.30
N SER A 14 25.49 -7.82 -17.26
CA SER A 14 25.40 -6.71 -16.32
C SER A 14 25.48 -5.34 -16.99
N VAL A 15 24.78 -4.37 -16.42
CA VAL A 15 24.79 -2.98 -16.90
C VAL A 15 24.63 -2.00 -15.73
N GLU A 16 25.15 -0.80 -15.89
CA GLU A 16 25.04 0.23 -14.87
C GLU A 16 23.74 1.00 -15.03
N VAL A 17 23.01 1.16 -13.93
CA VAL A 17 21.74 1.87 -13.95
C VAL A 17 21.63 2.86 -12.81
N GLY A 18 21.96 4.12 -13.09
CA GLY A 18 21.74 5.20 -12.14
C GLY A 18 22.77 5.27 -11.01
N ASP A 19 23.32 4.11 -10.65
CA ASP A 19 24.16 4.00 -9.47
C ASP A 19 24.47 2.52 -9.27
N SER A 20 23.42 1.72 -9.28
CA SER A 20 23.54 0.29 -9.02
C SER A 20 24.12 -0.43 -10.22
N THR A 21 24.37 -1.72 -10.04
CA THR A 21 24.81 -2.60 -11.11
C THR A 21 23.79 -3.72 -11.24
N PHE A 22 22.99 -3.68 -12.30
CA PHE A 22 21.99 -4.69 -12.55
C PHE A 22 22.55 -5.83 -13.38
N THR A 23 22.65 -7.01 -12.77
CA THR A 23 23.04 -8.23 -13.47
C THR A 23 21.79 -9.05 -13.73
N VAL A 24 21.32 -9.05 -14.97
CA VAL A 24 20.04 -9.70 -15.28
C VAL A 24 20.15 -10.74 -16.38
N LEU A 25 19.17 -11.63 -16.42
CA LEU A 25 19.05 -12.65 -17.46
C LEU A 25 18.98 -11.98 -18.83
N LYS A 26 19.50 -12.66 -19.84
CA LYS A 26 19.70 -12.05 -21.15
C LYS A 26 18.39 -11.71 -21.85
N ARG A 27 17.32 -12.40 -21.49
CA ARG A 27 15.99 -12.12 -22.02
C ARG A 27 15.54 -10.68 -21.78
N TYR A 28 16.04 -10.06 -20.71
CA TYR A 28 15.63 -8.69 -20.35
C TYR A 28 16.62 -7.69 -20.94
N GLN A 29 16.12 -6.80 -21.80
CA GLN A 29 16.95 -5.85 -22.56
C GLN A 29 16.54 -4.40 -22.33
N ASN A 30 17.42 -3.47 -22.70
CA ASN A 30 17.13 -2.05 -22.71
C ASN A 30 16.64 -1.57 -21.34
N LEU A 31 17.42 -1.84 -20.30
CA LEU A 31 17.04 -1.43 -18.95
C LEU A 31 17.03 0.09 -18.85
N LYS A 32 16.06 0.65 -18.11
CA LYS A 32 15.98 2.07 -17.83
C LYS A 32 15.52 2.27 -16.38
N PRO A 33 16.16 3.16 -15.62
CA PRO A 33 15.71 3.34 -14.24
C PRO A 33 14.33 3.98 -14.19
N ILE A 34 13.45 3.51 -13.32
CA ILE A 34 12.12 4.11 -13.19
C ILE A 34 11.78 4.40 -11.73
N GLY A 35 12.60 3.91 -10.81
CA GLY A 35 12.38 4.25 -9.42
C GLY A 35 13.38 3.67 -8.44
N SER A 36 13.26 4.13 -7.21
CA SER A 36 14.08 3.67 -6.11
C SER A 36 13.30 3.85 -4.80
N GLY A 37 12.68 2.78 -4.34
CA GLY A 37 11.95 2.82 -3.08
C GLY A 37 12.90 2.55 -1.94
N ALA A 38 12.39 1.85 -0.92
CA ALA A 38 13.20 1.50 0.23
C ALA A 38 13.97 0.19 0.04
N GLN A 39 13.28 -0.86 -0.39
CA GLN A 39 13.90 -2.18 -0.49
C GLN A 39 14.75 -2.36 -1.75
N GLY A 40 14.70 -1.42 -2.67
CA GLY A 40 15.50 -1.55 -3.89
C GLY A 40 15.38 -0.47 -4.95
N ILE A 41 16.08 -0.74 -6.05
CA ILE A 41 16.12 0.13 -7.21
C ILE A 41 15.31 -0.57 -8.28
N VAL A 42 14.56 0.17 -9.09
CA VAL A 42 13.68 -0.48 -10.07
C VAL A 42 13.93 0.04 -11.48
N CYS A 43 14.02 -0.91 -12.41
CA CYS A 43 14.20 -0.62 -13.83
C CYS A 43 13.03 -1.13 -14.65
N ALA A 44 12.73 -0.44 -15.74
CA ALA A 44 11.88 -1.01 -16.77
C ALA A 44 12.79 -1.75 -17.72
N ALA A 45 12.28 -2.77 -18.38
CA ALA A 45 13.04 -3.49 -19.40
C ALA A 45 12.10 -4.18 -20.39
N TYR A 46 12.69 -4.63 -21.51
CA TYR A 46 11.97 -5.42 -22.50
C TYR A 46 12.29 -6.90 -22.31
N ASP A 47 11.27 -7.72 -22.16
CA ASP A 47 11.44 -9.17 -22.04
C ASP A 47 11.28 -9.85 -23.42
N ALA A 48 12.40 -10.13 -24.07
CA ALA A 48 12.41 -10.74 -25.40
C ALA A 48 11.66 -12.07 -25.48
N VAL A 49 11.54 -12.78 -24.35
CA VAL A 49 10.92 -14.09 -24.34
C VAL A 49 9.40 -14.00 -24.29
N LEU A 50 8.90 -13.03 -23.53
CA LEU A 50 7.47 -12.80 -23.40
C LEU A 50 6.99 -11.77 -24.41
N ASP A 51 7.93 -11.04 -25.01
CA ASP A 51 7.62 -9.97 -25.96
C ASP A 51 6.73 -8.92 -25.29
N ARG A 52 7.21 -8.40 -24.17
CA ARG A 52 6.49 -7.35 -23.44
C ARG A 52 7.44 -6.68 -22.47
N ASN A 53 7.04 -5.51 -21.98
CA ASN A 53 7.85 -4.78 -21.02
C ASN A 53 7.52 -5.21 -19.61
N VAL A 54 8.54 -5.15 -18.74
CA VAL A 54 8.43 -5.62 -17.37
C VAL A 54 9.17 -4.65 -16.45
N ALA A 55 8.85 -4.71 -15.16
CA ALA A 55 9.59 -3.96 -14.15
C ALA A 55 10.50 -4.92 -13.42
N ILE A 56 11.73 -4.49 -13.15
CA ILE A 56 12.69 -5.33 -12.44
C ILE A 56 13.21 -4.64 -11.19
N LYS A 57 12.88 -5.21 -10.05
CA LYS A 57 13.30 -4.69 -8.75
C LYS A 57 14.51 -5.45 -8.21
N LYS A 58 15.58 -4.73 -7.84
CA LYS A 58 16.80 -5.33 -7.27
C LYS A 58 16.88 -5.19 -5.76
N LEU A 59 16.81 -6.31 -5.05
CA LEU A 59 17.10 -6.37 -3.61
C LEU A 59 18.57 -6.68 -3.35
N SER A 60 19.33 -5.70 -2.86
CA SER A 60 20.74 -5.94 -2.54
C SER A 60 20.92 -6.46 -1.13
N ARG A 61 21.55 -7.64 -1.01
CA ARG A 61 21.84 -8.23 0.29
C ARG A 61 20.64 -8.07 1.25
N PRO A 62 19.46 -8.58 0.85
CA PRO A 62 18.23 -8.44 1.64
C PRO A 62 18.35 -9.01 3.05
N PHE A 63 19.22 -10.01 3.18
CA PHE A 63 19.46 -10.69 4.44
C PHE A 63 20.40 -9.93 5.36
N GLN A 64 20.76 -8.70 4.98
CA GLN A 64 21.80 -7.96 5.69
C GLN A 64 21.40 -7.56 7.12
N ASN A 65 20.10 -7.33 7.36
CA ASN A 65 19.62 -7.14 8.73
C ASN A 65 18.18 -7.64 8.88
N GLN A 66 17.73 -7.71 10.13
CA GLN A 66 16.44 -8.28 10.47
C GLN A 66 15.29 -7.67 9.68
N THR A 67 15.21 -6.34 9.68
CA THR A 67 14.12 -5.63 9.01
C THR A 67 14.05 -6.01 7.54
N HIS A 68 15.13 -5.72 6.80
CA HIS A 68 15.22 -6.11 5.38
C HIS A 68 14.83 -7.56 5.16
N ALA A 69 15.42 -8.46 5.95
CA ALA A 69 15.26 -9.88 5.75
C ALA A 69 13.81 -10.33 5.88
N LYS A 70 13.15 -9.91 6.96
CA LYS A 70 11.74 -10.19 7.19
C LYS A 70 10.88 -9.73 6.01
N ARG A 71 11.07 -8.48 5.61
CA ARG A 71 10.32 -7.87 4.51
C ARG A 71 10.54 -8.62 3.18
N ALA A 72 11.81 -8.83 2.83
CA ALA A 72 12.14 -9.51 1.57
C ALA A 72 11.55 -10.90 1.53
N TYR A 73 11.77 -11.67 2.59
CA TYR A 73 11.27 -13.03 2.68
C TYR A 73 9.76 -13.06 2.53
N ARG A 74 9.10 -12.21 3.31
CA ARG A 74 7.65 -12.05 3.26
C ARG A 74 7.17 -11.64 1.87
N GLU A 75 7.82 -10.65 1.29
CA GLU A 75 7.42 -10.14 -0.03
C GLU A 75 7.45 -11.28 -1.04
N LEU A 76 8.55 -12.02 -1.02
CA LEU A 76 8.80 -13.08 -1.99
C LEU A 76 7.80 -14.23 -1.90
N VAL A 77 7.51 -14.65 -0.67
CA VAL A 77 6.58 -15.75 -0.44
C VAL A 77 5.14 -15.36 -0.80
N LEU A 78 4.65 -14.29 -0.18
CA LEU A 78 3.30 -13.80 -0.41
C LEU A 78 3.01 -13.50 -1.87
N MET A 79 3.90 -12.77 -2.53
CA MET A 79 3.66 -12.37 -3.90
C MET A 79 3.60 -13.60 -4.81
N LYS A 80 4.36 -14.64 -4.48
CA LYS A 80 4.31 -15.86 -5.27
C LYS A 80 2.95 -16.54 -5.13
N CYS A 81 2.49 -16.76 -3.91
CA CYS A 81 1.27 -17.54 -3.70
C CYS A 81 -0.03 -16.75 -3.80
N VAL A 82 0.00 -15.44 -3.58
CA VAL A 82 -1.20 -14.62 -3.68
C VAL A 82 -1.48 -14.26 -5.14
N ASN A 83 -2.69 -14.54 -5.59
CA ASN A 83 -3.10 -14.29 -6.98
C ASN A 83 -4.41 -13.49 -7.04
N HIS A 84 -4.32 -12.24 -7.50
CA HIS A 84 -5.51 -11.39 -7.66
C HIS A 84 -5.16 -10.19 -8.54
N LYS A 85 -6.07 -9.79 -9.42
CA LYS A 85 -5.75 -8.83 -10.47
C LYS A 85 -5.39 -7.44 -9.95
N ASN A 86 -5.73 -7.16 -8.70
CA ASN A 86 -5.40 -5.88 -8.09
C ASN A 86 -4.25 -5.98 -7.08
N ILE A 87 -3.51 -7.10 -7.14
CA ILE A 87 -2.28 -7.28 -6.38
C ILE A 87 -1.17 -7.55 -7.40
N ILE A 88 -0.03 -6.90 -7.24
CA ILE A 88 0.99 -7.07 -8.24
C ILE A 88 1.52 -8.51 -8.17
N SER A 89 1.83 -9.07 -9.32
CA SER A 89 2.27 -10.46 -9.43
C SER A 89 3.74 -10.58 -9.80
N LEU A 90 4.34 -11.69 -9.38
CA LEU A 90 5.67 -12.05 -9.83
C LEU A 90 5.61 -12.74 -11.19
N LEU A 91 6.36 -12.21 -12.15
CA LEU A 91 6.53 -12.85 -13.44
C LEU A 91 7.68 -13.83 -13.41
N ASN A 92 8.73 -13.44 -12.69
CA ASN A 92 9.94 -14.21 -12.61
C ASN A 92 10.70 -13.74 -11.38
N VAL A 93 11.58 -14.59 -10.88
CA VAL A 93 12.47 -14.28 -9.77
C VAL A 93 13.83 -14.89 -10.09
N PHE A 94 14.93 -14.17 -9.88
CA PHE A 94 16.24 -14.78 -10.06
C PHE A 94 17.37 -14.12 -9.25
N THR A 95 18.46 -14.88 -9.11
CA THR A 95 19.73 -14.34 -8.62
C THR A 95 20.84 -14.74 -9.62
N PRO A 96 21.74 -13.80 -9.93
CA PRO A 96 22.83 -14.19 -10.84
C PRO A 96 23.94 -14.98 -10.17
N GLN A 97 23.80 -15.24 -8.88
CA GLN A 97 24.83 -15.96 -8.14
C GLN A 97 24.48 -17.45 -8.08
N LYS A 98 25.51 -18.30 -8.20
CA LYS A 98 25.31 -19.74 -8.45
C LYS A 98 25.15 -20.58 -7.18
N THR A 99 25.70 -20.12 -6.06
CA THR A 99 25.67 -20.87 -4.80
C THR A 99 25.19 -20.02 -3.63
N LEU A 100 24.70 -20.70 -2.60
CA LEU A 100 24.36 -20.07 -1.33
C LEU A 100 25.50 -19.24 -0.75
N GLU A 101 26.75 -19.66 -0.93
CA GLU A 101 27.88 -18.93 -0.34
C GLU A 101 28.11 -17.62 -1.06
N GLU A 102 27.85 -17.64 -2.38
CA GLU A 102 28.08 -16.47 -3.23
C GLU A 102 26.86 -15.54 -3.30
N PHE A 103 25.69 -16.07 -2.95
CA PHE A 103 24.42 -15.34 -3.00
C PHE A 103 24.48 -13.92 -2.41
N GLN A 104 24.03 -12.94 -3.20
CA GLN A 104 24.00 -11.55 -2.76
C GLN A 104 22.67 -10.87 -3.05
N ASP A 105 22.26 -10.87 -4.33
CA ASP A 105 21.12 -10.08 -4.79
C ASP A 105 19.96 -10.92 -5.30
N VAL A 106 18.75 -10.40 -5.11
CA VAL A 106 17.52 -11.01 -5.61
C VAL A 106 16.85 -10.04 -6.57
N TYR A 107 16.40 -10.56 -7.72
CA TYR A 107 15.72 -9.75 -8.73
C TYR A 107 14.27 -10.20 -8.87
N LEU A 108 13.34 -9.26 -8.65
CA LEU A 108 11.92 -9.51 -8.81
C LEU A 108 11.45 -8.88 -10.12
N VAL A 109 10.82 -9.69 -10.97
CA VAL A 109 10.30 -9.22 -12.24
C VAL A 109 8.78 -9.18 -12.15
N MET A 110 8.23 -8.00 -12.43
CA MET A 110 6.79 -7.77 -12.29
C MET A 110 6.25 -7.07 -13.53
N GLU A 111 4.93 -7.01 -13.65
CA GLU A 111 4.30 -6.30 -14.76
C GLU A 111 4.69 -4.84 -14.70
N LEU A 112 4.90 -4.22 -15.87
CA LEU A 112 5.26 -2.81 -15.94
C LEU A 112 4.03 -1.89 -16.00
N MET A 113 3.86 -1.08 -14.97
CA MET A 113 2.73 -0.18 -14.87
C MET A 113 3.14 1.23 -15.29
N ASP A 114 2.16 2.12 -15.48
CA ASP A 114 2.45 3.43 -16.02
C ASP A 114 2.71 4.51 -14.97
N ALA A 115 2.09 4.40 -13.79
CA ALA A 115 2.24 5.45 -12.80
C ALA A 115 2.01 4.99 -11.36
N ASN A 116 2.52 5.82 -10.44
CA ASN A 116 2.15 5.90 -9.03
C ASN A 116 0.72 6.39 -8.84
N LEU A 117 0.11 6.09 -7.68
CA LEU A 117 -1.17 6.72 -7.36
C LEU A 117 -0.93 8.18 -7.01
N CYS A 118 0.25 8.51 -6.50
CA CYS A 118 0.59 9.88 -6.14
C CYS A 118 0.43 10.78 -7.35
N GLN A 119 0.91 10.30 -8.49
CA GLN A 119 0.84 11.02 -9.75
C GLN A 119 -0.62 11.23 -10.15
N VAL A 120 -1.40 10.17 -10.03
CA VAL A 120 -2.82 10.23 -10.39
C VAL A 120 -3.57 11.20 -9.48
N ILE A 121 -3.26 11.12 -8.18
CA ILE A 121 -3.89 11.98 -7.17
C ILE A 121 -3.82 13.47 -7.50
N GLN A 122 -2.71 13.90 -8.09
CA GLN A 122 -2.51 15.31 -8.41
C GLN A 122 -3.44 15.75 -9.53
N MET A 123 -3.95 14.79 -10.29
CA MET A 123 -4.80 15.09 -11.44
C MET A 123 -6.26 15.33 -11.05
N GLU A 124 -6.89 16.20 -11.81
CA GLU A 124 -8.33 16.39 -11.75
C GLU A 124 -9.01 15.13 -12.27
N LEU A 125 -9.72 14.42 -11.41
CA LEU A 125 -10.29 13.12 -11.76
C LEU A 125 -11.80 13.18 -11.80
N ASP A 126 -12.39 12.49 -12.76
CA ASP A 126 -13.84 12.38 -12.82
C ASP A 126 -14.30 11.30 -11.86
N HIS A 127 -15.61 11.23 -11.65
CA HIS A 127 -16.21 10.26 -10.75
C HIS A 127 -16.08 8.81 -11.22
N GLU A 128 -16.11 8.61 -12.54
CA GLU A 128 -16.03 7.25 -13.08
C GLU A 128 -14.70 6.60 -12.68
N ARG A 129 -13.63 7.38 -12.83
CA ARG A 129 -12.29 6.86 -12.58
C ARG A 129 -11.97 6.84 -11.10
N MET A 130 -12.39 7.86 -10.36
CA MET A 130 -12.26 7.88 -8.91
C MET A 130 -12.93 6.64 -8.30
N SER A 131 -14.20 6.39 -8.61
CA SER A 131 -14.88 5.22 -8.02
C SER A 131 -14.26 3.92 -8.50
N TYR A 132 -13.67 3.93 -9.69
CA TYR A 132 -13.13 2.69 -10.26
C TYR A 132 -11.81 2.32 -9.61
N LEU A 133 -10.99 3.32 -9.32
CA LEU A 133 -9.73 3.09 -8.62
C LEU A 133 -10.03 2.62 -7.21
N LEU A 134 -11.00 3.28 -6.56
CA LEU A 134 -11.42 2.93 -5.21
C LEU A 134 -12.01 1.53 -5.12
N TYR A 135 -12.76 1.14 -6.14
CA TYR A 135 -13.33 -0.21 -6.23
C TYR A 135 -12.22 -1.26 -6.26
N GLN A 136 -11.23 -0.99 -7.10
CA GLN A 136 -10.10 -1.88 -7.29
C GLN A 136 -9.24 -1.99 -6.04
N MET A 137 -9.12 -0.89 -5.31
CA MET A 137 -8.39 -0.91 -4.04
C MET A 137 -9.10 -1.77 -3.03
N LEU A 138 -10.42 -1.60 -2.96
CA LEU A 138 -11.23 -2.30 -1.99
C LEU A 138 -11.22 -3.81 -2.29
N CYS A 139 -11.20 -4.16 -3.57
CA CYS A 139 -11.14 -5.57 -3.98
C CYS A 139 -9.79 -6.19 -3.62
N GLY A 140 -8.71 -5.46 -3.87
CA GLY A 140 -7.38 -5.89 -3.46
C GLY A 140 -7.32 -6.11 -1.95
N ILE A 141 -7.61 -5.05 -1.20
CA ILE A 141 -7.72 -5.12 0.26
C ILE A 141 -8.55 -6.32 0.70
N LYS A 142 -9.74 -6.47 0.09
CA LYS A 142 -10.65 -7.56 0.41
C LYS A 142 -9.94 -8.91 0.29
N HIS A 143 -9.36 -9.15 -0.87
CA HIS A 143 -8.59 -10.38 -1.12
C HIS A 143 -7.54 -10.65 -0.06
N LEU A 144 -6.74 -9.64 0.27
CA LEU A 144 -5.70 -9.77 1.29
C LEU A 144 -6.30 -10.14 2.64
N HIS A 145 -7.44 -9.54 2.98
CA HIS A 145 -8.10 -9.84 4.26
C HIS A 145 -8.58 -11.28 4.26
N SER A 146 -9.02 -11.77 3.11
CA SER A 146 -9.49 -13.15 2.99
C SER A 146 -8.33 -14.13 3.17
N ALA A 147 -7.17 -13.75 2.66
CA ALA A 147 -5.98 -14.59 2.75
C ALA A 147 -5.26 -14.40 4.09
N GLY A 148 -5.90 -13.74 5.03
CA GLY A 148 -5.33 -13.52 6.36
C GLY A 148 -4.28 -12.44 6.42
N ILE A 149 -4.30 -11.52 5.44
CA ILE A 149 -3.33 -10.42 5.41
C ILE A 149 -4.03 -9.08 5.63
N ILE A 150 -3.61 -8.37 6.68
CA ILE A 150 -4.11 -7.02 6.97
C ILE A 150 -2.94 -6.04 6.85
N HIS A 151 -3.04 -5.14 5.90
CA HIS A 151 -1.93 -4.34 5.43
C HIS A 151 -1.39 -3.34 6.47
N ARG A 152 -2.22 -2.37 6.85
CA ARG A 152 -1.93 -1.34 7.85
C ARG A 152 -0.99 -0.24 7.39
N ASP A 153 -0.32 -0.42 6.25
CA ASP A 153 0.46 0.67 5.66
C ASP A 153 0.16 0.87 4.18
N LEU A 154 -1.12 0.82 3.80
CA LEU A 154 -1.52 1.17 2.44
C LEU A 154 -1.27 2.66 2.18
N LYS A 155 -0.62 2.97 1.07
CA LYS A 155 -0.32 4.37 0.75
C LYS A 155 -0.15 4.56 -0.76
N PRO A 156 -0.38 5.79 -1.25
CA PRO A 156 -0.44 5.93 -2.71
C PRO A 156 0.89 5.66 -3.44
N SER A 157 2.03 5.67 -2.75
CA SER A 157 3.31 5.41 -3.40
C SER A 157 3.56 3.92 -3.61
N ASN A 158 2.75 3.08 -2.97
CA ASN A 158 2.87 1.62 -3.06
C ASN A 158 1.70 1.03 -3.82
N ILE A 159 1.04 1.88 -4.61
CA ILE A 159 -0.06 1.47 -5.47
C ILE A 159 0.24 2.05 -6.86
N VAL A 160 0.15 1.20 -7.88
CA VAL A 160 0.49 1.59 -9.23
C VAL A 160 -0.71 1.40 -10.14
N VAL A 161 -0.75 2.18 -11.21
CA VAL A 161 -1.89 2.13 -12.10
C VAL A 161 -1.42 2.20 -13.55
N LYS A 162 -2.28 1.70 -14.45
CA LYS A 162 -2.06 1.79 -15.89
C LYS A 162 -2.93 2.87 -16.53
N SER A 163 -2.60 3.23 -17.77
CA SER A 163 -3.35 4.23 -18.52
C SER A 163 -4.83 3.87 -18.65
N ASP A 164 -5.13 2.58 -18.70
CA ASP A 164 -6.52 2.11 -18.78
C ASP A 164 -7.20 2.08 -17.40
N CYS A 165 -6.60 2.77 -16.43
CA CYS A 165 -7.10 2.84 -15.06
C CYS A 165 -7.11 1.51 -14.29
N THR A 166 -6.34 0.53 -14.77
CA THR A 166 -6.13 -0.69 -14.02
C THR A 166 -5.25 -0.37 -12.83
N LEU A 167 -5.49 -1.01 -11.69
CA LEU A 167 -4.80 -0.67 -10.45
C LEU A 167 -4.28 -1.93 -9.76
N LYS A 168 -3.04 -1.87 -9.25
CA LYS A 168 -2.44 -2.95 -8.47
C LYS A 168 -1.72 -2.45 -7.22
N ILE A 169 -1.91 -3.18 -6.12
CA ILE A 169 -1.20 -2.92 -4.88
C ILE A 169 0.15 -3.63 -4.94
N LEU A 170 1.21 -2.94 -4.51
CA LEU A 170 2.58 -3.42 -4.64
C LEU A 170 3.11 -4.26 -3.48
N ASP A 171 2.62 -4.04 -2.27
CA ASP A 171 3.22 -4.65 -1.09
C ASP A 171 2.19 -5.17 -0.12
N PHE A 172 2.65 -5.86 0.93
CA PHE A 172 1.75 -6.55 1.84
C PHE A 172 1.76 -5.99 3.24
N GLY A 173 2.32 -4.79 3.41
CA GLY A 173 2.13 -4.03 4.64
C GLY A 173 3.04 -4.41 5.78
N LEU A 174 2.68 -3.91 6.97
CA LEU A 174 3.43 -4.11 8.20
C LEU A 174 3.65 -5.57 8.57
N ALA A 175 4.74 -5.84 9.29
CA ALA A 175 5.00 -7.14 9.85
C ALA A 175 4.21 -7.27 11.15
N ARG A 176 3.70 -8.48 11.43
CA ARG A 176 2.92 -8.68 12.65
C ARG A 176 3.82 -8.80 13.87
N THR A 177 4.88 -8.02 13.88
CA THR A 177 5.80 -7.94 15.01
C THR A 177 6.32 -6.51 15.13
N ALA A 178 7.28 -6.16 14.27
CA ALA A 178 7.78 -4.79 14.16
C ALA A 178 8.47 -4.32 15.44
N SER A 181 11.70 -2.47 15.50
CA SER A 181 12.40 -2.38 14.23
C SER A 181 13.51 -1.33 14.27
N PHE A 182 14.30 -1.26 13.20
CA PHE A 182 15.42 -0.32 13.14
C PHE A 182 16.03 -0.23 11.73
N MET A 183 16.58 0.94 11.39
CA MET A 183 17.15 1.18 10.06
C MET A 183 18.36 2.12 10.12
N MET A 184 19.30 1.94 9.19
CA MET A 184 20.46 2.82 9.05
C MET A 184 20.34 3.71 7.82
N THR A 185 19.83 3.16 6.73
CA THR A 185 19.63 3.91 5.50
C THR A 185 18.87 5.20 5.80
N PRO A 186 19.35 6.34 5.27
CA PRO A 186 18.57 7.57 5.46
C PRO A 186 17.41 7.66 4.47
N TYR A 187 16.21 7.31 4.93
CA TYR A 187 15.01 7.44 4.10
C TYR A 187 13.79 7.58 5.01
N VAL A 188 12.91 8.54 4.71
CA VAL A 188 11.78 8.83 5.59
C VAL A 188 10.58 7.92 5.28
N VAL A 189 10.00 7.36 6.33
CA VAL A 189 8.85 6.47 6.18
C VAL A 189 7.57 7.30 6.20
N THR A 190 6.72 7.06 5.22
CA THR A 190 5.48 7.81 5.06
C THR A 190 4.38 7.24 5.95
N ARG A 191 3.95 8.03 6.93
CA ARG A 191 3.05 7.58 7.99
C ARG A 191 1.63 8.17 7.89
N TYR A 192 1.43 9.14 7.02
CA TYR A 192 0.19 9.92 6.95
C TYR A 192 -1.09 9.12 6.70
N TYR A 193 -0.98 7.95 6.08
CA TYR A 193 -2.14 7.14 5.70
C TYR A 193 -2.49 6.08 6.75
N ARG A 194 -1.73 6.07 7.84
CA ARG A 194 -1.95 5.09 8.88
C ARG A 194 -3.13 5.42 9.77
N ALA A 195 -3.87 4.38 10.13
CA ALA A 195 -5.07 4.49 10.94
C ALA A 195 -4.77 4.90 12.37
N PRO A 196 -5.72 5.59 13.03
CA PRO A 196 -5.59 5.99 14.43
C PRO A 196 -5.12 4.84 15.29
N GLU A 197 -5.64 3.64 15.05
CA GLU A 197 -5.30 2.50 15.86
C GLU A 197 -3.85 2.05 15.61
N VAL A 198 -3.30 2.40 14.45
CA VAL A 198 -1.86 2.19 14.20
C VAL A 198 -1.05 3.36 14.80
N ILE A 199 -1.61 4.56 14.76
CA ILE A 199 -0.96 5.74 15.36
C ILE A 199 -0.87 5.63 16.90
N LEU A 200 -1.89 5.03 17.50
CA LEU A 200 -2.00 5.00 18.96
C LEU A 200 -1.66 3.65 19.59
N GLY A 201 -1.43 2.64 18.75
CA GLY A 201 -1.05 1.34 19.23
C GLY A 201 -2.17 0.62 19.92
N MET A 202 -3.32 0.47 19.26
CA MET A 202 -4.50 -0.10 19.89
C MET A 202 -4.74 -1.56 19.55
N GLY A 203 -4.18 -2.02 18.44
CA GLY A 203 -4.63 -3.27 17.87
C GLY A 203 -5.81 -2.91 17.00
N TYR A 204 -6.23 -3.84 16.16
CA TYR A 204 -6.97 -3.48 14.98
C TYR A 204 -7.72 -4.68 14.45
N LYS A 205 -8.58 -4.40 13.47
CA LYS A 205 -9.23 -5.43 12.70
C LYS A 205 -9.09 -5.04 11.23
N GLU A 206 -9.73 -5.81 10.37
CA GLU A 206 -9.69 -5.56 8.93
C GLU A 206 -9.90 -4.09 8.55
N ASN A 207 -10.89 -3.40 9.13
CA ASN A 207 -11.23 -2.05 8.66
C ASN A 207 -10.18 -1.00 9.08
N VAL A 208 -9.01 -1.45 9.57
CA VAL A 208 -7.89 -0.55 9.76
C VAL A 208 -7.42 0.01 8.40
N ASP A 209 -7.53 -0.83 7.36
CA ASP A 209 -7.12 -0.43 6.02
C ASP A 209 -8.12 0.50 5.34
N ILE A 210 -9.34 0.61 5.87
CA ILE A 210 -10.34 1.52 5.30
C ILE A 210 -9.95 2.97 5.57
N TRP A 211 -9.40 3.23 6.75
CA TRP A 211 -8.91 4.57 7.04
C TRP A 211 -7.96 5.05 5.98
N SER A 212 -7.02 4.20 5.57
CA SER A 212 -6.03 4.56 4.57
C SER A 212 -6.69 4.93 3.25
N VAL A 213 -7.66 4.13 2.82
CA VAL A 213 -8.40 4.36 1.58
C VAL A 213 -9.15 5.70 1.66
N GLY A 214 -9.66 6.01 2.84
CA GLY A 214 -10.30 7.28 3.10
C GLY A 214 -9.32 8.44 2.97
N CYS A 215 -8.08 8.24 3.42
CA CYS A 215 -7.05 9.26 3.30
C CYS A 215 -6.69 9.50 1.83
N ILE A 216 -6.65 8.43 1.04
CA ILE A 216 -6.32 8.51 -0.38
C ILE A 216 -7.47 9.20 -1.10
N MET A 217 -8.67 8.66 -0.91
CA MET A 217 -9.87 9.27 -1.48
C MET A 217 -9.99 10.75 -1.19
N GLY A 218 -9.77 11.13 0.06
CA GLY A 218 -9.90 12.51 0.48
C GLY A 218 -8.87 13.40 -0.18
N GLU A 219 -7.66 12.87 -0.32
CA GLU A 219 -6.57 13.59 -0.99
C GLU A 219 -6.86 13.74 -2.50
N MET A 220 -7.52 12.76 -3.11
CA MET A 220 -7.92 12.86 -4.51
C MET A 220 -8.83 14.06 -4.73
N VAL A 221 -9.56 14.41 -3.68
CA VAL A 221 -10.55 15.48 -3.72
C VAL A 221 -9.89 16.81 -3.36
N ARG A 222 -9.19 16.82 -2.22
CA ARG A 222 -8.58 18.04 -1.68
C ARG A 222 -7.22 18.37 -2.31
N HIS A 223 -6.57 17.36 -2.89
CA HIS A 223 -5.22 17.50 -3.45
C HIS A 223 -4.15 17.94 -2.44
N LYS A 224 -4.41 17.73 -1.15
CA LYS A 224 -3.42 17.89 -0.11
C LYS A 224 -3.47 16.68 0.81
N ILE A 225 -2.34 16.35 1.43
CA ILE A 225 -2.32 15.27 2.40
C ILE A 225 -3.20 15.71 3.56
N LEU A 226 -4.16 14.88 3.91
CA LEU A 226 -5.12 15.20 4.97
C LEU A 226 -4.42 15.40 6.31
N PHE A 227 -3.60 14.43 6.69
CA PHE A 227 -3.06 14.37 8.04
C PHE A 227 -1.54 14.30 8.05
N PRO A 228 -0.88 15.39 7.65
CA PRO A 228 0.59 15.42 7.71
C PRO A 228 1.14 15.57 9.14
N GLY A 229 2.45 15.59 9.26
CA GLY A 229 3.10 15.77 10.56
C GLY A 229 4.44 15.07 10.64
N ARG A 230 5.38 15.70 11.36
CA ARG A 230 6.72 15.15 11.54
C ARG A 230 6.69 13.78 12.19
N ASP A 231 5.88 13.67 13.24
CA ASP A 231 5.73 12.41 13.97
C ASP A 231 4.25 12.16 14.22
N TYR A 232 3.95 11.07 14.92
CA TYR A 232 2.58 10.72 15.28
C TYR A 232 1.93 11.79 16.18
N ILE A 233 2.73 12.67 16.79
CA ILE A 233 2.20 13.70 17.66
C ILE A 233 1.47 14.74 16.81
N ASP A 234 2.17 15.33 15.85
CA ASP A 234 1.57 16.24 14.88
C ASP A 234 0.40 15.59 14.13
N GLN A 235 0.61 14.36 13.68
CA GLN A 235 -0.39 13.67 12.87
C GLN A 235 -1.68 13.53 13.65
N TRP A 236 -1.55 13.18 14.92
CA TRP A 236 -2.72 13.03 15.77
C TRP A 236 -3.46 14.35 15.91
N ASN A 237 -2.70 15.43 16.09
CA ASN A 237 -3.28 16.76 16.18
C ASN A 237 -4.11 17.05 14.93
N LYS A 238 -3.47 16.93 13.77
CA LYS A 238 -4.15 17.12 12.48
C LYS A 238 -5.45 16.33 12.39
N VAL A 239 -5.43 15.10 12.91
CA VAL A 239 -6.62 14.25 12.84
C VAL A 239 -7.74 14.82 13.72
N ILE A 240 -7.41 15.15 14.98
CA ILE A 240 -8.44 15.60 15.91
C ILE A 240 -8.93 17.01 15.55
N GLU A 241 -8.04 17.88 15.09
CA GLU A 241 -8.46 19.20 14.57
C GLU A 241 -9.58 19.12 13.55
N GLN A 242 -9.44 18.21 12.59
CA GLN A 242 -10.32 18.16 11.44
C GLN A 242 -11.58 17.35 11.68
N LEU A 243 -11.42 16.27 12.45
CA LEU A 243 -12.51 15.34 12.69
C LEU A 243 -13.07 15.49 14.10
N GLY A 244 -12.43 16.34 14.89
CA GLY A 244 -12.80 16.53 16.28
C GLY A 244 -12.29 15.42 17.18
N THR A 245 -12.30 15.68 18.48
CA THR A 245 -11.89 14.70 19.48
C THR A 245 -12.86 13.52 19.48
N PRO A 246 -12.34 12.29 19.67
CA PRO A 246 -13.29 11.17 19.66
C PRO A 246 -14.12 11.05 20.95
N CYS A 247 -15.09 10.15 20.93
CA CYS A 247 -16.00 9.95 22.04
C CYS A 247 -15.35 9.11 23.14
N PRO A 248 -15.94 9.14 24.36
CA PRO A 248 -15.29 8.41 25.46
C PRO A 248 -15.39 6.89 25.30
N GLU A 249 -16.39 6.41 24.58
CA GLU A 249 -16.50 4.99 24.27
C GLU A 249 -15.29 4.48 23.52
N PHE A 250 -14.68 5.35 22.71
CA PHE A 250 -13.47 5.02 21.95
C PHE A 250 -12.26 4.97 22.87
N MET A 251 -12.18 5.95 23.76
CA MET A 251 -11.02 6.10 24.62
C MET A 251 -11.06 5.13 25.80
N LYS A 252 -12.18 4.42 25.96
CA LYS A 252 -12.25 3.29 26.87
C LYS A 252 -11.53 2.06 26.30
N LYS A 253 -10.94 2.21 25.11
CA LYS A 253 -10.26 1.11 24.44
C LYS A 253 -8.76 1.38 24.31
N LEU A 254 -8.32 2.52 24.83
CA LEU A 254 -6.91 2.89 24.81
C LEU A 254 -6.22 2.38 26.07
N GLN A 255 -4.95 2.00 25.93
CA GLN A 255 -4.16 1.61 27.09
C GLN A 255 -4.02 2.82 28.00
N PRO A 256 -3.70 2.58 29.29
CA PRO A 256 -3.72 3.66 30.28
C PRO A 256 -2.90 4.89 29.89
N THR A 257 -1.69 4.66 29.40
CA THR A 257 -0.78 5.77 29.14
C THR A 257 -1.18 6.59 27.92
N VAL A 258 -1.64 5.93 26.86
CA VAL A 258 -2.06 6.65 25.66
C VAL A 258 -3.43 7.29 25.89
N ARG A 259 -4.27 6.68 26.74
CA ARG A 259 -5.54 7.30 27.14
C ARG A 259 -5.28 8.67 27.75
N ASN A 260 -4.34 8.73 28.69
CA ASN A 260 -4.00 9.97 29.38
C ASN A 260 -3.51 11.03 28.39
N TYR A 261 -2.57 10.63 27.53
CA TYR A 261 -2.03 11.53 26.52
C TYR A 261 -3.14 12.10 25.63
N VAL A 262 -4.01 11.24 25.12
CA VAL A 262 -5.05 11.66 24.18
C VAL A 262 -6.11 12.53 24.86
N GLU A 263 -6.53 12.13 26.07
CA GLU A 263 -7.57 12.86 26.78
C GLU A 263 -7.07 14.20 27.29
N ASN A 264 -5.75 14.39 27.31
CA ASN A 264 -5.15 15.65 27.74
C ASN A 264 -4.72 16.55 26.59
N ARG A 265 -4.96 16.13 25.35
CA ARG A 265 -4.75 17.03 24.22
C ARG A 265 -5.86 18.08 24.22
N PRO A 266 -5.56 19.30 23.74
CA PRO A 266 -6.59 20.33 23.63
C PRO A 266 -7.81 19.83 22.86
N LYS A 267 -9.02 19.95 23.41
CA LYS A 267 -10.20 19.41 22.72
C LYS A 267 -10.52 20.19 21.43
N TYR A 268 -11.26 19.55 20.53
CA TYR A 268 -11.71 20.14 19.27
C TYR A 268 -13.09 19.56 18.92
N ALA A 269 -13.95 20.38 18.32
CA ALA A 269 -15.32 19.94 18.01
C ALA A 269 -15.38 19.15 16.71
N GLY A 270 -14.54 19.50 15.74
CA GLY A 270 -14.52 18.82 14.46
C GLY A 270 -15.39 19.47 13.38
N LEU A 271 -14.82 19.62 12.20
CA LEU A 271 -15.54 20.11 11.04
C LEU A 271 -16.52 19.07 10.52
N THR A 272 -17.64 19.51 9.95
CA THR A 272 -18.54 18.62 9.24
C THR A 272 -17.88 18.30 7.90
N PHE A 273 -18.34 17.25 7.24
CA PHE A 273 -17.70 16.85 6.00
C PHE A 273 -17.99 17.76 4.82
N PRO A 274 -19.15 18.44 4.81
CA PRO A 274 -19.29 19.47 3.77
C PRO A 274 -18.24 20.58 3.92
N LYS A 275 -17.89 20.95 5.14
CA LYS A 275 -16.83 21.93 5.35
C LYS A 275 -15.44 21.35 5.03
N LEU A 276 -15.25 20.06 5.28
CA LEU A 276 -13.96 19.41 5.00
C LEU A 276 -13.75 19.20 3.50
N PHE A 277 -14.81 18.75 2.81
CA PHE A 277 -14.79 18.56 1.36
C PHE A 277 -15.98 19.30 0.73
N PRO A 278 -15.86 20.62 0.56
CA PRO A 278 -16.96 21.44 0.07
C PRO A 278 -17.31 21.20 -1.40
N ASP A 279 -18.53 21.59 -1.77
CA ASP A 279 -19.06 21.38 -3.11
C ASP A 279 -18.07 21.80 -4.18
N SER A 280 -17.36 22.89 -3.90
CA SER A 280 -16.36 23.45 -4.80
C SER A 280 -15.37 22.42 -5.36
N LEU A 281 -15.01 21.43 -4.56
CA LEU A 281 -13.97 20.47 -4.94
C LEU A 281 -14.45 19.38 -5.89
N PHE A 282 -15.76 19.34 -6.16
CA PHE A 282 -16.33 18.26 -6.98
C PHE A 282 -16.83 18.74 -8.33
N PRO A 283 -16.81 17.83 -9.32
CA PRO A 283 -17.61 18.12 -10.51
C PRO A 283 -19.07 18.15 -10.08
N ALA A 284 -19.76 19.23 -10.39
CA ALA A 284 -21.14 19.40 -9.95
C ALA A 284 -21.84 20.33 -10.91
N ASP A 285 -21.65 20.06 -12.21
CA ASP A 285 -22.27 20.83 -13.27
C ASP A 285 -23.56 20.18 -13.76
N SER A 286 -23.55 18.85 -13.93
CA SER A 286 -24.76 18.09 -14.29
C SER A 286 -25.39 17.42 -13.08
N GLU A 287 -26.63 16.97 -13.24
CA GLU A 287 -27.33 16.25 -12.17
C GLU A 287 -26.60 14.94 -11.82
N HIS A 288 -26.07 14.25 -12.82
CA HIS A 288 -25.29 13.04 -12.57
C HIS A 288 -24.18 13.33 -11.56
N ASN A 289 -23.41 14.37 -11.86
CA ASN A 289 -22.27 14.74 -11.07
C ASN A 289 -22.65 15.25 -9.69
N LYS A 290 -23.78 15.98 -9.61
CA LYS A 290 -24.30 16.48 -8.34
C LYS A 290 -24.56 15.34 -7.38
N LEU A 291 -25.15 14.27 -7.90
CA LEU A 291 -25.48 13.10 -7.08
C LEU A 291 -24.25 12.30 -6.70
N LYS A 292 -23.31 12.16 -7.64
CA LYS A 292 -22.09 11.41 -7.37
C LYS A 292 -21.24 12.16 -6.34
N ALA A 293 -21.27 13.48 -6.37
CA ALA A 293 -20.56 14.27 -5.37
C ALA A 293 -21.12 13.98 -3.98
N SER A 294 -22.45 13.91 -3.92
CA SER A 294 -23.15 13.65 -2.67
C SER A 294 -22.81 12.28 -2.14
N GLN A 295 -22.72 11.32 -3.06
CA GLN A 295 -22.39 9.95 -2.71
C GLN A 295 -20.92 9.81 -2.31
N ALA A 296 -20.06 10.58 -2.98
CA ALA A 296 -18.64 10.61 -2.65
C ALA A 296 -18.43 11.03 -1.20
N ARG A 297 -19.02 12.17 -0.84
CA ARG A 297 -18.81 12.73 0.49
C ARG A 297 -19.39 11.82 1.56
N ASP A 298 -20.48 11.12 1.23
CA ASP A 298 -21.06 10.17 2.17
C ASP A 298 -20.07 9.07 2.52
N LEU A 299 -19.51 8.44 1.49
CA LEU A 299 -18.51 7.40 1.69
C LEU A 299 -17.34 7.93 2.53
N LEU A 300 -16.81 9.09 2.14
CA LEU A 300 -15.72 9.70 2.90
C LEU A 300 -16.03 9.79 4.37
N SER A 301 -17.22 10.31 4.69
CA SER A 301 -17.62 10.51 6.08
C SER A 301 -17.69 9.18 6.85
N LYS A 302 -17.89 8.08 6.13
CA LYS A 302 -17.93 6.75 6.74
C LYS A 302 -16.55 6.06 6.81
N MET A 303 -15.61 6.48 5.95
CA MET A 303 -14.26 5.89 5.98
C MET A 303 -13.35 6.62 6.96
N LEU A 304 -13.46 7.93 6.98
CA LEU A 304 -12.61 8.76 7.83
C LEU A 304 -13.26 9.01 9.19
N VAL A 305 -13.43 7.96 9.98
CA VAL A 305 -13.91 8.12 11.35
C VAL A 305 -12.88 7.52 12.31
N ILE A 306 -12.58 8.25 13.37
CA ILE A 306 -11.46 7.91 14.23
C ILE A 306 -11.70 6.57 14.89
N ASP A 307 -12.89 6.35 15.44
CA ASP A 307 -13.19 5.10 16.15
C ASP A 307 -13.48 3.98 15.16
N PRO A 308 -12.63 2.92 15.14
CA PRO A 308 -12.88 1.82 14.19
C PRO A 308 -14.18 1.07 14.45
N ALA A 309 -14.72 1.25 15.66
CA ALA A 309 -15.99 0.63 16.01
C ALA A 309 -17.10 1.21 15.16
N LYS A 310 -17.01 2.51 14.90
CA LYS A 310 -17.98 3.23 14.08
C LYS A 310 -17.61 3.35 12.58
N ARG A 311 -16.42 2.88 12.20
CA ARG A 311 -15.94 2.99 10.81
C ARG A 311 -16.54 1.90 9.93
N ILE A 312 -16.79 2.23 8.66
CA ILE A 312 -17.37 1.29 7.70
C ILE A 312 -16.42 0.15 7.39
N SER A 313 -16.97 -1.02 7.10
CA SER A 313 -16.17 -2.20 6.77
C SER A 313 -15.87 -2.21 5.29
N VAL A 314 -15.01 -3.13 4.87
CA VAL A 314 -14.66 -3.27 3.47
C VAL A 314 -15.86 -3.73 2.65
N ASP A 315 -16.59 -4.71 3.20
CA ASP A 315 -17.72 -5.29 2.50
C ASP A 315 -18.80 -4.24 2.32
N ASP A 316 -19.04 -3.45 3.35
CA ASP A 316 -20.08 -2.42 3.26
C ASP A 316 -19.62 -1.25 2.39
N ALA A 317 -18.31 -1.03 2.30
CA ALA A 317 -17.78 -0.04 1.37
C ALA A 317 -18.00 -0.49 -0.06
N LEU A 318 -17.77 -1.77 -0.35
CA LEU A 318 -17.97 -2.30 -1.70
C LEU A 318 -19.44 -2.27 -2.12
N GLN A 319 -20.35 -2.23 -1.15
CA GLN A 319 -21.78 -2.20 -1.44
C GLN A 319 -22.32 -0.77 -1.49
N HIS A 320 -21.49 0.20 -1.13
CA HIS A 320 -21.87 1.61 -1.15
C HIS A 320 -22.21 2.07 -2.58
N PRO A 321 -23.24 2.94 -2.74
CA PRO A 321 -23.69 3.32 -4.09
C PRO A 321 -22.60 3.92 -4.98
N TYR A 322 -21.71 4.73 -4.40
CA TYR A 322 -20.61 5.30 -5.14
C TYR A 322 -19.71 4.24 -5.78
N ILE A 323 -19.66 3.05 -5.17
CA ILE A 323 -18.70 2.03 -5.59
C ILE A 323 -19.33 0.81 -6.26
N ASN A 324 -20.55 0.42 -5.90
CA ASN A 324 -21.09 -0.85 -6.40
C ASN A 324 -21.50 -0.84 -7.88
N VAL A 325 -21.25 0.25 -8.60
CA VAL A 325 -21.61 0.30 -10.01
C VAL A 325 -20.69 -0.60 -10.84
N TRP A 326 -19.59 -1.03 -10.25
CA TRP A 326 -18.60 -1.87 -10.93
C TRP A 326 -18.80 -3.37 -10.66
N TYR A 327 -19.40 -3.68 -9.50
CA TYR A 327 -19.74 -5.04 -9.05
C TYR A 327 -19.88 -6.14 -10.14
N ASP A 328 -19.22 -7.29 -9.90
CA ASP A 328 -19.20 -8.41 -10.85
C ASP A 328 -19.00 -9.75 -10.10
N PRO A 329 -19.11 -10.89 -10.82
CA PRO A 329 -19.05 -12.19 -10.11
C PRO A 329 -17.66 -12.58 -9.57
N ALA A 330 -16.74 -13.01 -10.44
CA ALA A 330 -15.46 -13.55 -9.98
C ALA A 330 -14.43 -12.46 -9.69
N GLU A 331 -14.86 -11.20 -9.71
CA GLU A 331 -13.95 -10.07 -9.48
C GLU A 331 -13.81 -9.70 -8.00
N VAL A 332 -14.85 -9.95 -7.20
CA VAL A 332 -14.80 -9.62 -5.77
C VAL A 332 -14.33 -10.82 -4.93
N GLU A 333 -14.39 -12.03 -5.50
CA GLU A 333 -14.00 -13.23 -4.75
C GLU A 333 -13.46 -14.37 -5.62
N ALA A 334 -12.46 -15.08 -5.07
CA ALA A 334 -11.85 -16.23 -5.70
C ALA A 334 -11.18 -17.08 -4.60
N PRO A 335 -10.91 -18.38 -4.88
CA PRO A 335 -10.37 -19.30 -3.86
C PRO A 335 -9.10 -18.78 -3.18
N PRO A 336 -9.17 -18.44 -1.87
CA PRO A 336 -8.01 -17.91 -1.14
C PRO A 336 -7.38 -18.89 -0.15
N PRO A 337 -6.04 -18.97 -0.10
CA PRO A 337 -5.41 -19.77 0.97
C PRO A 337 -5.19 -18.93 2.23
N GLN A 343 2.54 -23.03 6.89
CA GLN A 343 2.61 -21.90 5.97
C GLN A 343 3.10 -20.65 6.69
N LEU A 344 2.48 -20.34 7.83
CA LEU A 344 2.76 -19.13 8.59
C LEU A 344 4.26 -18.97 8.87
N ASP A 345 4.70 -17.73 9.04
CA ASP A 345 6.08 -17.46 9.43
C ASP A 345 6.23 -16.05 9.99
N GLU A 346 6.91 -15.93 11.13
CA GLU A 346 7.17 -14.64 11.77
C GLU A 346 8.06 -14.88 12.98
N ARG A 347 9.37 -14.96 12.76
CA ARG A 347 10.30 -15.34 13.82
C ARG A 347 11.69 -14.76 13.62
N GLU A 348 12.48 -14.72 14.68
CA GLU A 348 13.79 -14.07 14.64
C GLU A 348 14.89 -15.03 14.19
N HIS A 349 15.74 -14.53 13.30
CA HIS A 349 16.84 -15.31 12.74
C HIS A 349 18.10 -14.46 12.62
N THR A 350 19.25 -15.13 12.54
CA THR A 350 20.52 -14.47 12.27
C THR A 350 20.64 -14.20 10.77
N ILE A 351 21.60 -13.35 10.40
CA ILE A 351 21.91 -13.09 9.00
C ILE A 351 21.96 -14.39 8.19
N GLU A 352 22.84 -15.29 8.62
CA GLU A 352 23.10 -16.52 7.87
C GLU A 352 21.84 -17.36 7.68
N GLU A 353 20.97 -17.36 8.69
CA GLU A 353 19.74 -18.13 8.62
C GLU A 353 18.74 -17.49 7.64
N TRP A 354 18.67 -16.16 7.66
CA TRP A 354 17.83 -15.42 6.72
C TRP A 354 18.32 -15.61 5.29
N LYS A 355 19.64 -15.49 5.10
CA LYS A 355 20.28 -15.70 3.81
C LYS A 355 19.81 -16.99 3.14
N GLU A 356 19.79 -18.08 3.90
CA GLU A 356 19.43 -19.38 3.36
C GLU A 356 17.93 -19.51 3.13
N LEU A 357 17.13 -18.99 4.05
CA LEU A 357 15.67 -18.99 3.88
C LEU A 357 15.29 -18.35 2.55
N ILE A 358 15.95 -17.25 2.24
CA ILE A 358 15.66 -16.45 1.07
C ILE A 358 16.25 -17.07 -0.18
N TYR A 359 17.47 -17.61 -0.06
CA TYR A 359 18.09 -18.29 -1.20
C TYR A 359 17.19 -19.41 -1.69
N LYS A 360 16.67 -20.22 -0.77
CA LYS A 360 15.88 -21.37 -1.16
C LYS A 360 14.45 -20.99 -1.53
N GLU A 361 13.98 -19.80 -1.15
CA GLU A 361 12.74 -19.29 -1.70
C GLU A 361 12.95 -18.91 -3.17
N VAL A 362 14.11 -18.33 -3.45
CA VAL A 362 14.46 -17.94 -4.81
C VAL A 362 14.61 -19.17 -5.69
N MET A 363 15.26 -20.21 -5.17
CA MET A 363 15.36 -21.49 -5.87
C MET A 363 14.19 -22.36 -5.43
N ASN A 364 13.04 -22.17 -6.08
CA ASN A 364 11.80 -22.83 -5.69
C ASN A 364 11.94 -24.34 -5.55
#